data_1G3K
#
_entry.id   1G3K
#
_cell.length_a   79.018
_cell.length_b   121.799
_cell.length_c   126.179
_cell.angle_alpha   90.00
_cell.angle_beta   90.00
_cell.angle_gamma   90.00
#
_symmetry.space_group_name_H-M   'I 2 2 2'
#
loop_
_entity.id
_entity.type
_entity.pdbx_description
1 polymer 'ATP-DEPENDENT PROTEASE HSLV'
2 non-polymer 'SODIUM ION'
3 water water
#
_entity_poly.entity_id   1
_entity_poly.type   'polypeptide(L)'
_entity_poly.pdbx_seq_one_letter_code
;TTIVSVRRNGQVVVGGDGQVSLGNTVMKGNARKVRRLYNGKVLAGFAGGTADAFTLFELFERKLEMHQGHLLKSAVELAK
DWRTDRALRKLEAMLIVADEKESLIITGIGDVVQPEEDQILAIGSGGNYALSAARALVENTELSAHEIVEKSLRIAGDIC
VFTNTNFTIEELPN
;
_entity_poly.pdbx_strand_id   A,B,C
#
loop_
_chem_comp.id
_chem_comp.type
_chem_comp.name
_chem_comp.formula
NA non-polymer 'SODIUM ION' 'Na 1'
#
# COMPACT_ATOMS: atom_id res chain seq x y z
N THR A 1 15.28 14.43 2.69
CA THR A 1 14.77 15.48 3.65
C THR A 1 15.95 16.15 4.32
N THR A 2 15.78 17.41 4.68
CA THR A 2 16.80 18.12 5.44
C THR A 2 16.07 19.01 6.45
N ILE A 3 16.40 18.84 7.73
CA ILE A 3 15.89 19.68 8.82
C ILE A 3 17.18 20.20 9.49
N VAL A 4 17.27 21.51 9.70
CA VAL A 4 18.45 22.06 10.34
C VAL A 4 18.02 23.10 11.36
N SER A 5 18.77 23.18 12.46
CA SER A 5 18.48 24.14 13.50
C SER A 5 19.75 24.87 13.88
N VAL A 6 19.65 26.20 14.03
CA VAL A 6 20.79 27.04 14.40
C VAL A 6 20.35 27.98 15.51
N ARG A 7 21.19 28.14 16.53
CA ARG A 7 20.91 29.04 17.64
C ARG A 7 22.02 30.10 17.61
N ARG A 8 21.64 31.36 17.54
CA ARG A 8 22.62 32.45 17.54
C ARG A 8 22.03 33.75 18.06
N ASN A 9 22.79 34.47 18.90
CA ASN A 9 22.36 35.76 19.45
C ASN A 9 20.98 35.77 20.09
N GLY A 10 20.67 34.76 20.88
CA GLY A 10 19.39 34.72 21.56
C GLY A 10 18.23 34.19 20.74
N GLN A 11 18.50 33.81 19.49
CA GLN A 11 17.46 33.26 18.64
C GLN A 11 17.75 31.82 18.24
N VAL A 12 16.69 31.03 18.11
CA VAL A 12 16.83 29.65 17.70
C VAL A 12 15.86 29.47 16.53
N VAL A 13 16.34 28.78 15.51
CA VAL A 13 15.54 28.58 14.32
C VAL A 13 15.59 27.14 13.90
N VAL A 14 14.46 26.61 13.44
CA VAL A 14 14.38 25.25 12.92
C VAL A 14 13.75 25.39 11.54
N GLY A 15 14.37 24.80 10.52
CA GLY A 15 13.82 24.91 9.18
C GLY A 15 13.93 23.59 8.45
N GLY A 16 13.01 23.33 7.54
CA GLY A 16 13.05 22.07 6.82
C GLY A 16 12.61 22.25 5.40
N ASP A 17 12.88 21.26 4.55
CA ASP A 17 12.46 21.36 3.15
C ASP A 17 11.03 20.80 3.06
N GLY A 18 10.52 20.62 1.84
CA GLY A 18 9.15 20.14 1.70
C GLY A 18 8.95 18.91 0.85
N GLN A 19 10.01 18.18 0.57
CA GLN A 19 9.91 17.02 -0.29
C GLN A 19 9.60 15.71 0.42
N VAL A 20 8.56 15.03 -0.08
CA VAL A 20 8.17 13.72 0.39
C VAL A 20 8.42 12.81 -0.81
N SER A 21 9.29 11.83 -0.64
CA SER A 21 9.63 10.95 -1.74
C SER A 21 9.23 9.50 -1.49
N LEU A 22 9.00 8.78 -2.59
CA LEU A 22 8.67 7.36 -2.53
C LEU A 22 9.59 6.82 -3.61
N GLY A 23 10.63 6.11 -3.18
CA GLY A 23 11.59 5.61 -4.15
C GLY A 23 12.25 6.87 -4.73
N ASN A 24 12.44 6.88 -6.04
CA ASN A 24 13.07 7.97 -6.74
C ASN A 24 12.10 9.01 -7.33
N THR A 25 10.89 9.11 -6.76
CA THR A 25 9.94 10.11 -7.26
C THR A 25 9.36 10.89 -6.09
N VAL A 26 8.81 12.05 -6.41
CA VAL A 26 8.24 12.95 -5.42
C VAL A 26 6.72 12.80 -5.32
N MET A 27 6.26 12.52 -4.10
CA MET A 27 4.82 12.40 -3.81
C MET A 27 4.26 13.77 -3.42
N LYS A 28 5.12 14.65 -2.87
CA LYS A 28 4.66 15.96 -2.40
C LYS A 28 5.84 16.91 -2.30
N GLY A 29 5.64 18.15 -2.72
CA GLY A 29 6.71 19.14 -2.68
C GLY A 29 6.51 20.28 -1.70
N ASN A 30 5.36 20.35 -1.06
CA ASN A 30 5.11 21.45 -0.11
C ASN A 30 4.81 20.98 1.33
N ALA A 31 5.38 19.86 1.74
CA ALA A 31 5.15 19.38 3.09
C ALA A 31 5.73 20.37 4.11
N ARG A 32 5.05 20.47 5.25
CA ARG A 32 5.53 21.34 6.33
C ARG A 32 6.13 20.39 7.35
N LYS A 33 7.45 20.39 7.47
CA LYS A 33 8.09 19.46 8.37
C LYS A 33 8.56 20.07 9.69
N VAL A 34 8.14 21.30 9.96
CA VAL A 34 8.49 21.98 11.20
C VAL A 34 7.17 22.55 11.75
N ARG A 35 6.91 22.29 13.03
CA ARG A 35 5.68 22.75 13.68
C ARG A 35 6.03 23.41 15.00
N ARG A 36 5.06 24.11 15.58
CA ARG A 36 5.24 24.75 16.88
C ARG A 36 4.43 23.88 17.84
N LEU A 37 5.02 23.54 18.98
CA LEU A 37 4.38 22.73 19.99
C LEU A 37 4.37 23.50 21.31
N TYR A 38 3.60 22.97 22.27
CA TYR A 38 3.56 23.56 23.60
C TYR A 38 3.19 25.05 23.53
N ASN A 39 2.05 25.32 22.92
CA ASN A 39 1.57 26.69 22.76
C ASN A 39 2.59 27.64 22.17
N GLY A 40 3.35 27.13 21.21
CA GLY A 40 4.32 27.95 20.53
C GLY A 40 5.72 28.04 21.10
N LYS A 41 5.94 27.55 22.31
CA LYS A 41 7.26 27.65 22.94
C LYS A 41 8.30 26.63 22.49
N VAL A 42 7.88 25.62 21.75
CA VAL A 42 8.82 24.61 21.28
C VAL A 42 8.73 24.48 19.77
N LEU A 43 9.87 24.41 19.10
CA LEU A 43 9.90 24.24 17.65
C LEU A 43 10.26 22.78 17.46
N ALA A 44 9.59 22.11 16.54
CA ALA A 44 9.86 20.69 16.32
C ALA A 44 9.89 20.37 14.85
N GLY A 45 10.98 19.75 14.40
CA GLY A 45 11.09 19.37 13.00
C GLY A 45 11.18 17.86 12.94
N PHE A 46 10.75 17.26 11.84
CA PHE A 46 10.80 15.82 11.77
C PHE A 46 11.08 15.31 10.38
N ALA A 47 11.82 14.22 10.33
CA ALA A 47 12.12 13.55 9.07
C ALA A 47 11.38 12.21 9.25
N GLY A 48 10.33 11.99 8.47
CA GLY A 48 9.59 10.74 8.61
C GLY A 48 8.15 10.95 8.24
N GLY A 49 7.31 9.93 8.46
CA GLY A 49 5.92 10.04 8.10
C GLY A 49 5.12 10.98 8.97
N THR A 50 4.08 11.59 8.41
CA THR A 50 3.25 12.51 9.18
C THR A 50 2.49 11.80 10.30
N ALA A 51 2.11 10.55 10.09
CA ALA A 51 1.39 9.81 11.13
C ALA A 51 2.36 9.46 12.26
N ASP A 52 3.60 9.14 11.90
CA ASP A 52 4.61 8.84 12.92
C ASP A 52 4.79 10.11 13.74
N ALA A 53 4.96 11.23 13.04
CA ALA A 53 5.16 12.53 13.71
C ALA A 53 4.00 12.91 14.60
N PHE A 54 2.79 12.76 14.09
CA PHE A 54 1.62 13.09 14.89
C PHE A 54 1.69 12.30 16.20
N THR A 55 1.98 11.01 16.10
CA THR A 55 2.08 10.14 17.27
C THR A 55 3.15 10.61 18.26
N LEU A 56 4.36 10.84 17.76
CA LEU A 56 5.49 11.24 18.58
C LEU A 56 5.32 12.61 19.21
N PHE A 57 4.76 13.56 18.44
CA PHE A 57 4.56 14.91 18.97
C PHE A 57 3.46 14.98 20.03
N GLU A 58 2.39 14.19 19.85
CA GLU A 58 1.32 14.17 20.84
C GLU A 58 1.91 13.62 22.14
N LEU A 59 2.73 12.58 22.02
CA LEU A 59 3.35 11.97 23.18
C LEU A 59 4.33 12.93 23.84
N PHE A 60 5.06 13.68 23.03
CA PHE A 60 6.03 14.62 23.55
C PHE A 60 5.30 15.73 24.30
N GLU A 61 4.18 16.17 23.74
CA GLU A 61 3.38 17.22 24.37
C GLU A 61 2.96 16.77 25.77
N ARG A 62 2.47 15.53 25.88
CA ARG A 62 2.05 14.98 27.17
C ARG A 62 3.23 15.04 28.15
N LYS A 63 4.42 14.70 27.67
CA LYS A 63 5.62 14.72 28.50
C LYS A 63 5.93 16.15 28.96
N LEU A 64 5.99 17.08 28.02
CA LEU A 64 6.28 18.47 28.36
C LEU A 64 5.32 18.96 29.45
N GLU A 65 4.04 18.65 29.27
CA GLU A 65 3.03 19.05 30.24
C GLU A 65 3.38 18.54 31.65
N MET A 66 3.70 17.26 31.77
CA MET A 66 4.03 16.68 33.07
C MET A 66 5.40 17.06 33.62
N HIS A 67 6.27 17.58 32.76
CA HIS A 67 7.61 17.95 33.22
C HIS A 67 7.81 19.47 33.25
N GLN A 68 6.70 20.18 33.36
CA GLN A 68 6.72 21.63 33.44
C GLN A 68 7.58 22.26 32.36
N GLY A 69 7.40 21.81 31.12
CA GLY A 69 8.12 22.38 30.00
C GLY A 69 9.61 22.12 29.88
N HIS A 70 10.16 21.28 30.75
CA HIS A 70 11.59 20.96 30.72
C HIS A 70 11.87 20.09 29.48
N LEU A 71 12.57 20.68 28.51
CA LEU A 71 12.85 19.99 27.26
C LEU A 71 13.68 18.72 27.37
N LEU A 72 14.83 18.80 28.01
CA LEU A 72 15.71 17.63 28.14
C LEU A 72 15.07 16.47 28.88
N LYS A 73 14.42 16.75 30.00
CA LYS A 73 13.78 15.69 30.77
C LYS A 73 12.62 15.08 29.96
N SER A 74 11.87 15.93 29.25
CA SER A 74 10.75 15.43 28.47
C SER A 74 11.27 14.57 27.32
N ALA A 75 12.37 15.01 26.72
CA ALA A 75 12.99 14.31 25.61
C ALA A 75 13.52 12.94 26.05
N VAL A 76 14.15 12.90 27.22
CA VAL A 76 14.68 11.66 27.74
C VAL A 76 13.57 10.65 27.99
N GLU A 77 12.46 11.13 28.53
CA GLU A 77 11.31 10.27 28.81
C GLU A 77 10.69 9.79 27.49
N LEU A 78 10.64 10.67 26.49
CA LEU A 78 10.09 10.30 25.19
C LEU A 78 10.94 9.19 24.60
N ALA A 79 12.25 9.38 24.59
CA ALA A 79 13.13 8.35 24.03
C ALA A 79 12.98 7.02 24.78
N LYS A 80 12.78 7.09 26.09
CA LYS A 80 12.62 5.84 26.84
C LYS A 80 11.37 5.09 26.36
N ASP A 81 10.25 5.80 26.26
CA ASP A 81 9.01 5.16 25.79
C ASP A 81 9.21 4.62 24.39
N TRP A 82 9.86 5.42 23.56
CA TRP A 82 10.09 5.07 22.16
C TRP A 82 10.81 3.72 21.99
N ARG A 83 11.83 3.46 22.80
CA ARG A 83 12.54 2.19 22.62
C ARG A 83 11.99 1.04 23.44
N THR A 84 11.07 1.34 24.35
CA THR A 84 10.50 0.28 25.20
C THR A 84 9.12 -0.23 24.76
N ASP A 85 8.34 0.61 24.10
CA ASP A 85 7.00 0.24 23.64
C ASP A 85 7.10 -0.47 22.26
N ARG A 86 6.58 -1.68 22.12
CA ARG A 86 6.68 -2.38 20.83
C ARG A 86 6.03 -1.63 19.67
N ALA A 87 4.99 -0.85 19.96
CA ALA A 87 4.31 -0.09 18.90
C ALA A 87 5.16 1.10 18.50
N LEU A 88 5.68 1.82 19.49
CA LEU A 88 6.53 2.97 19.21
C LEU A 88 7.84 2.57 18.50
N ARG A 89 8.40 1.41 18.82
CA ARG A 89 9.64 1.01 18.15
C ARG A 89 9.45 0.90 16.64
N LYS A 90 8.21 0.78 16.19
CA LYS A 90 7.95 0.67 14.76
C LYS A 90 8.09 2.04 14.06
N LEU A 91 8.10 3.12 14.84
CA LEU A 91 8.21 4.47 14.28
C LEU A 91 9.66 4.84 13.98
N GLU A 92 9.95 5.06 12.70
CA GLU A 92 11.32 5.39 12.32
C GLU A 92 11.61 6.89 12.11
N ALA A 93 10.68 7.77 12.43
CA ALA A 93 10.98 9.20 12.25
C ALA A 93 12.20 9.66 13.06
N MET A 94 12.76 10.83 12.72
CA MET A 94 13.89 11.41 13.46
C MET A 94 13.40 12.80 13.80
N LEU A 95 13.68 13.28 15.02
CA LEU A 95 13.16 14.59 15.42
C LEU A 95 14.23 15.55 15.92
N ILE A 96 13.95 16.84 15.76
CA ILE A 96 14.78 17.91 16.28
C ILE A 96 13.78 18.78 17.05
N VAL A 97 14.11 19.11 18.29
CA VAL A 97 13.22 19.98 19.08
C VAL A 97 14.08 21.08 19.69
N ALA A 98 13.50 22.26 19.84
CA ALA A 98 14.26 23.39 20.37
C ALA A 98 13.32 24.35 21.08
N ASP A 99 13.75 24.85 22.24
CA ASP A 99 12.96 25.84 22.94
C ASP A 99 13.94 26.98 23.25
N GLU A 100 13.56 27.95 24.08
CA GLU A 100 14.47 29.07 24.35
C GLU A 100 15.75 28.67 25.11
N LYS A 101 15.74 27.50 25.72
CA LYS A 101 16.89 27.06 26.50
C LYS A 101 17.89 26.17 25.75
N GLU A 102 17.39 25.11 25.14
CA GLU A 102 18.27 24.16 24.43
C GLU A 102 17.65 23.57 23.15
N SER A 103 18.49 22.88 22.37
CA SER A 103 18.09 22.20 21.12
C SER A 103 18.54 20.74 21.26
N LEU A 104 17.78 19.81 20.69
CA LEU A 104 18.07 18.39 20.82
C LEU A 104 17.61 17.58 19.60
N ILE A 105 18.29 16.47 19.36
CA ILE A 105 17.81 15.58 18.32
C ILE A 105 17.30 14.38 19.13
N ILE A 106 16.23 13.74 18.69
CA ILE A 106 15.70 12.56 19.34
C ILE A 106 15.38 11.54 18.25
N THR A 107 15.82 10.30 18.44
CA THR A 107 15.50 9.22 17.48
C THR A 107 15.21 7.94 18.26
N GLY A 108 14.49 7.02 17.64
CA GLY A 108 14.14 5.77 18.30
C GLY A 108 15.33 4.87 18.58
N ILE A 109 16.36 4.99 17.75
CA ILE A 109 17.54 4.17 17.88
C ILE A 109 18.70 4.86 18.60
N GLY A 110 18.73 6.19 18.56
CA GLY A 110 19.83 6.89 19.21
C GLY A 110 19.48 7.65 20.47
N ASP A 111 18.24 7.53 20.92
CA ASP A 111 17.80 8.24 22.11
C ASP A 111 17.98 9.75 21.94
N VAL A 112 18.44 10.45 22.99
CA VAL A 112 18.60 11.90 22.93
C VAL A 112 20.03 12.32 22.59
N VAL A 113 20.17 13.42 21.85
CA VAL A 113 21.48 13.93 21.44
C VAL A 113 21.54 15.45 21.54
N GLN A 114 22.55 15.96 22.24
CA GLN A 114 22.71 17.41 22.38
C GLN A 114 23.82 17.89 21.45
N PRO A 115 23.73 19.15 21.00
CA PRO A 115 24.69 19.79 20.09
C PRO A 115 26.04 19.99 20.77
N GLU A 116 27.02 20.37 19.95
CA GLU A 116 28.38 20.67 20.42
C GLU A 116 28.37 22.18 20.54
N GLU A 117 29.49 22.79 20.93
CA GLU A 117 29.56 24.25 21.09
C GLU A 117 28.85 24.97 19.96
N ASP A 118 28.83 24.32 18.79
CA ASP A 118 28.19 24.84 17.58
C ASP A 118 26.75 25.34 17.77
N GLN A 119 25.95 24.52 18.44
CA GLN A 119 24.54 24.83 18.63
C GLN A 119 23.88 24.71 17.25
N ILE A 120 24.39 23.78 16.45
CA ILE A 120 23.82 23.51 15.13
C ILE A 120 23.46 22.04 15.17
N LEU A 121 22.28 21.72 14.64
CA LEU A 121 21.85 20.34 14.59
C LEU A 121 21.19 20.10 13.26
N ALA A 122 21.32 18.90 12.73
CA ALA A 122 20.67 18.62 11.46
C ALA A 122 20.37 17.15 11.32
N ILE A 123 19.28 16.84 10.62
CA ILE A 123 18.87 15.46 10.40
C ILE A 123 18.34 15.34 8.96
N GLY A 124 18.15 14.11 8.52
CA GLY A 124 17.66 13.89 7.17
C GLY A 124 18.81 13.56 6.22
N SER A 125 18.47 12.98 5.07
CA SER A 125 19.50 12.62 4.10
C SER A 125 20.38 13.82 3.73
N GLY A 126 19.82 15.02 3.73
CA GLY A 126 20.60 16.20 3.38
C GLY A 126 21.18 16.93 4.57
N GLY A 127 20.96 16.37 5.76
CA GLY A 127 21.43 16.98 7.00
C GLY A 127 22.87 17.42 7.04
N ASN A 128 23.79 16.55 6.62
CA ASN A 128 25.20 16.93 6.69
C ASN A 128 25.63 18.02 5.71
N TYR A 129 24.85 18.21 4.66
CA TYR A 129 25.18 19.27 3.72
C TYR A 129 24.76 20.60 4.39
N ALA A 130 23.57 20.63 5.00
CA ALA A 130 23.14 21.85 5.68
C ALA A 130 24.10 22.15 6.84
N LEU A 131 24.52 21.10 7.53
CA LEU A 131 25.43 21.24 8.67
C LEU A 131 26.76 21.85 8.23
N SER A 132 27.28 21.38 7.10
CA SER A 132 28.56 21.89 6.60
C SER A 132 28.43 23.35 6.24
N ALA A 133 27.34 23.71 5.57
CA ALA A 133 27.14 25.11 5.19
C ALA A 133 26.93 25.98 6.44
N ALA A 134 26.12 25.48 7.37
CA ALA A 134 25.83 26.26 8.59
C ALA A 134 27.10 26.49 9.41
N ARG A 135 27.92 25.46 9.58
CA ARG A 135 29.17 25.65 10.31
C ARG A 135 30.05 26.68 9.61
N ALA A 136 30.13 26.62 8.29
CA ALA A 136 30.95 27.62 7.58
C ALA A 136 30.40 29.03 7.84
N LEU A 137 29.07 29.17 7.77
CA LEU A 137 28.45 30.48 8.00
C LEU A 137 28.56 31.00 9.44
N VAL A 138 28.36 30.12 10.43
CA VAL A 138 28.46 30.55 11.82
C VAL A 138 29.89 31.00 12.12
N GLU A 139 30.85 30.24 11.62
CA GLU A 139 32.26 30.54 11.90
C GLU A 139 32.88 31.69 11.12
N ASN A 140 32.29 32.05 9.98
CA ASN A 140 32.89 33.09 9.15
C ASN A 140 32.03 34.27 8.77
N THR A 141 30.86 34.39 9.38
CA THR A 141 29.99 35.52 9.06
C THR A 141 29.25 35.93 10.32
N GLU A 142 28.56 37.07 10.24
CA GLU A 142 27.76 37.57 11.35
C GLU A 142 26.27 37.35 11.06
N LEU A 143 25.97 36.48 10.09
CA LEU A 143 24.57 36.20 9.72
C LEU A 143 23.71 35.71 10.89
N SER A 144 22.44 36.10 10.91
CA SER A 144 21.52 35.65 11.96
C SER A 144 21.22 34.18 11.77
N ALA A 145 20.68 33.56 12.82
CA ALA A 145 20.31 32.16 12.77
C ALA A 145 19.35 31.92 11.60
N HIS A 146 18.40 32.82 11.41
CA HIS A 146 17.42 32.64 10.33
C HIS A 146 18.05 32.64 8.93
N GLU A 147 18.97 33.57 8.72
CA GLU A 147 19.64 33.67 7.44
C GLU A 147 20.48 32.42 7.21
N ILE A 148 21.18 31.97 8.26
CA ILE A 148 22.01 30.78 8.12
C ILE A 148 21.18 29.54 7.79
N VAL A 149 20.04 29.38 8.45
CA VAL A 149 19.19 28.21 8.21
C VAL A 149 18.65 28.24 6.76
N GLU A 150 18.19 29.41 6.32
CA GLU A 150 17.65 29.55 4.97
C GLU A 150 18.72 29.24 3.90
N LYS A 151 19.92 29.76 4.13
CA LYS A 151 21.00 29.57 3.19
C LYS A 151 21.51 28.13 3.18
N SER A 152 21.55 27.51 4.34
CA SER A 152 22.04 26.15 4.48
C SER A 152 21.08 25.14 3.90
N LEU A 153 19.78 25.42 4.05
CA LEU A 153 18.75 24.54 3.50
C LEU A 153 18.82 24.59 1.98
N ARG A 154 19.12 25.78 1.46
CA ARG A 154 19.19 25.92 0.01
C ARG A 154 20.36 25.13 -0.54
N ILE A 155 21.50 25.24 0.14
CA ILE A 155 22.72 24.53 -0.28
C ILE A 155 22.50 23.00 -0.23
N ALA A 156 21.85 22.55 0.83
CA ALA A 156 21.56 21.12 0.94
C ALA A 156 20.56 20.69 -0.15
N GLY A 157 19.56 21.54 -0.42
CA GLY A 157 18.55 21.18 -1.42
C GLY A 157 19.14 21.08 -2.82
N ASP A 158 20.17 21.87 -3.08
CA ASP A 158 20.80 21.84 -4.40
C ASP A 158 21.73 20.64 -4.58
N ILE A 159 22.10 19.97 -3.49
CA ILE A 159 22.99 18.81 -3.56
C ILE A 159 22.23 17.48 -3.38
N CYS A 160 21.36 17.40 -2.38
CA CYS A 160 20.60 16.16 -2.11
C CYS A 160 19.38 16.00 -3.00
N VAL A 161 19.27 14.87 -3.71
CA VAL A 161 18.11 14.70 -4.58
C VAL A 161 16.81 14.45 -3.83
N PHE A 162 16.90 14.15 -2.52
CA PHE A 162 15.69 13.93 -1.71
C PHE A 162 15.26 15.15 -0.91
N THR A 163 15.91 16.28 -1.14
CA THR A 163 15.58 17.51 -0.42
C THR A 163 15.24 18.60 -1.45
N ASN A 164 14.13 19.33 -1.30
CA ASN A 164 13.88 20.38 -2.29
C ASN A 164 14.10 21.79 -1.71
N THR A 165 13.68 22.81 -2.42
CA THR A 165 13.90 24.17 -1.93
C THR A 165 12.66 24.94 -1.49
N ASN A 166 11.62 24.23 -1.05
CA ASN A 166 10.37 24.84 -0.56
C ASN A 166 10.47 24.68 0.96
N PHE A 167 10.92 25.73 1.64
CA PHE A 167 11.17 25.64 3.08
C PHE A 167 10.11 26.16 4.02
N THR A 168 10.09 25.58 5.22
CA THR A 168 9.22 26.01 6.31
C THR A 168 10.25 26.34 7.38
N ILE A 169 10.22 27.57 7.90
CA ILE A 169 11.21 27.96 8.89
C ILE A 169 10.46 28.60 10.04
N GLU A 170 10.80 28.21 11.27
CA GLU A 170 10.17 28.75 12.46
C GLU A 170 11.28 29.30 13.35
N GLU A 171 11.01 30.42 14.02
CA GLU A 171 12.00 31.05 14.86
C GLU A 171 11.46 31.42 16.25
N LEU A 172 12.34 31.34 17.24
CA LEU A 172 12.03 31.74 18.62
C LEU A 172 13.11 32.74 19.05
N PRO A 173 12.71 33.86 19.69
CA PRO A 173 11.31 34.18 19.99
C PRO A 173 10.62 34.91 18.83
N THR B 1 -0.57 -1.21 -11.67
CA THR B 1 -1.83 -0.55 -11.20
C THR B 1 -1.75 0.97 -11.26
N THR B 2 -2.87 1.62 -11.56
CA THR B 2 -2.88 3.08 -11.53
C THR B 2 -4.22 3.55 -10.94
N ILE B 3 -4.13 4.34 -9.88
CA ILE B 3 -5.33 4.95 -9.27
C ILE B 3 -5.03 6.46 -9.32
N VAL B 4 -5.98 7.27 -9.76
CA VAL B 4 -5.72 8.72 -9.79
C VAL B 4 -6.99 9.45 -9.36
N SER B 5 -6.81 10.55 -8.65
CA SER B 5 -7.93 11.34 -8.18
C SER B 5 -7.71 12.82 -8.49
N VAL B 6 -8.76 13.50 -8.94
CA VAL B 6 -8.70 14.91 -9.29
C VAL B 6 -9.96 15.55 -8.69
N ARG B 7 -9.82 16.75 -8.15
CA ARG B 7 -10.95 17.46 -7.58
C ARG B 7 -10.99 18.77 -8.37
N ARG B 8 -12.13 19.07 -8.98
CA ARG B 8 -12.27 20.29 -9.75
C ARG B 8 -13.70 20.79 -9.77
N ASN B 9 -13.86 22.10 -9.60
CA ASN B 9 -15.19 22.73 -9.58
C ASN B 9 -16.23 21.96 -8.79
N GLY B 10 -15.95 21.72 -7.51
CA GLY B 10 -16.91 21.03 -6.67
C GLY B 10 -17.14 19.55 -6.90
N GLN B 11 -16.34 18.92 -7.74
CA GLN B 11 -16.50 17.50 -8.00
C GLN B 11 -15.18 16.82 -7.67
N VAL B 12 -15.23 15.63 -7.08
CA VAL B 12 -13.99 14.89 -6.85
C VAL B 12 -14.22 13.54 -7.49
N VAL B 13 -13.19 13.06 -8.18
CA VAL B 13 -13.31 11.78 -8.87
C VAL B 13 -12.12 10.90 -8.49
N VAL B 14 -12.36 9.60 -8.35
CA VAL B 14 -11.27 8.64 -8.10
C VAL B 14 -11.46 7.55 -9.16
N GLY B 15 -10.41 7.25 -9.90
CA GLY B 15 -10.50 6.24 -10.93
C GLY B 15 -9.31 5.32 -10.94
N GLY B 16 -9.52 4.10 -11.43
CA GLY B 16 -8.43 3.13 -11.46
C GLY B 16 -8.55 2.16 -12.61
N ASP B 17 -7.46 1.45 -12.90
CA ASP B 17 -7.49 0.50 -14.01
C ASP B 17 -7.98 -0.84 -13.47
N GLY B 18 -7.88 -1.91 -14.26
CA GLY B 18 -8.40 -3.18 -13.80
C GLY B 18 -7.43 -4.35 -13.85
N GLN B 19 -6.16 -4.08 -14.02
CA GLN B 19 -5.20 -5.16 -14.14
C GLN B 19 -4.60 -5.70 -12.85
N VAL B 20 -4.69 -7.01 -12.70
CA VAL B 20 -4.10 -7.70 -11.55
C VAL B 20 -3.05 -8.60 -12.19
N SER B 21 -1.78 -8.43 -11.80
CA SER B 21 -0.70 -9.19 -12.41
C SER B 21 0.04 -10.10 -11.44
N LEU B 22 0.55 -11.18 -11.97
CA LEU B 22 1.35 -12.08 -11.15
C LEU B 22 2.62 -12.19 -11.97
N GLY B 23 3.70 -11.62 -11.47
CA GLY B 23 4.94 -11.66 -12.24
C GLY B 23 4.68 -10.85 -13.52
N ASN B 24 5.03 -11.41 -14.66
CA ASN B 24 4.83 -10.69 -15.91
C ASN B 24 3.62 -11.13 -16.72
N THR B 25 2.59 -11.60 -16.03
CA THR B 25 1.36 -12.02 -16.73
C THR B 25 0.13 -11.49 -16.00
N VAL B 26 -0.98 -11.42 -16.73
CA VAL B 26 -2.23 -10.89 -16.19
C VAL B 26 -3.13 -11.99 -15.65
N MET B 27 -3.51 -11.87 -14.38
CA MET B 27 -4.42 -12.82 -13.74
C MET B 27 -5.85 -12.39 -13.94
N LYS B 28 -6.04 -11.07 -14.04
CA LYS B 28 -7.39 -10.51 -14.20
C LYS B 28 -7.27 -9.12 -14.79
N GLY B 29 -8.14 -8.81 -15.75
CA GLY B 29 -8.08 -7.51 -16.39
C GLY B 29 -9.26 -6.60 -16.10
N ASN B 30 -10.24 -7.06 -15.33
CA ASN B 30 -11.39 -6.22 -15.02
C ASN B 30 -11.62 -6.03 -13.52
N ALA B 31 -10.53 -5.90 -12.75
CA ALA B 31 -10.68 -5.72 -11.30
C ALA B 31 -11.25 -4.34 -11.04
N ARG B 32 -12.09 -4.20 -10.02
CA ARG B 32 -12.68 -2.91 -9.62
C ARG B 32 -11.82 -2.44 -8.45
N LYS B 33 -11.03 -1.40 -8.66
CA LYS B 33 -10.12 -0.94 -7.62
C LYS B 33 -10.58 0.29 -6.87
N VAL B 34 -11.77 0.79 -7.21
CA VAL B 34 -12.31 1.96 -6.56
C VAL B 34 -13.71 1.59 -6.05
N ARG B 35 -14.01 1.95 -4.81
CA ARG B 35 -15.31 1.63 -4.21
C ARG B 35 -15.81 2.85 -3.45
N ARG B 36 -17.10 2.87 -3.10
CA ARG B 36 -17.67 3.96 -2.33
C ARG B 36 -17.82 3.42 -0.92
N LEU B 37 -17.43 4.20 0.08
CA LEU B 37 -17.54 3.78 1.47
C LEU B 37 -18.40 4.77 2.24
N TYR B 38 -18.61 4.47 3.52
CA TYR B 38 -19.34 5.33 4.45
C TYR B 38 -20.66 5.88 3.90
N ASN B 39 -21.59 4.98 3.62
CA ASN B 39 -22.90 5.36 3.09
C ASN B 39 -22.80 6.11 1.77
N GLY B 40 -21.80 5.74 0.97
CA GLY B 40 -21.59 6.36 -0.33
C GLY B 40 -20.94 7.73 -0.35
N LYS B 41 -20.60 8.25 0.82
CA LYS B 41 -19.99 9.56 0.96
C LYS B 41 -18.46 9.62 0.87
N VAL B 42 -17.81 8.47 0.77
CA VAL B 42 -16.35 8.45 0.69
C VAL B 42 -15.91 7.60 -0.50
N LEU B 43 -14.99 8.11 -1.31
CA LEU B 43 -14.47 7.34 -2.43
C LEU B 43 -13.13 6.76 -1.96
N ALA B 44 -12.86 5.50 -2.31
CA ALA B 44 -11.60 4.86 -1.90
C ALA B 44 -11.04 4.03 -3.05
N GLY B 45 -9.75 4.23 -3.32
CA GLY B 45 -9.09 3.47 -4.38
C GLY B 45 -7.89 2.77 -3.74
N PHE B 46 -7.53 1.58 -4.21
CA PHE B 46 -6.40 0.90 -3.57
C PHE B 46 -5.50 0.21 -4.58
N ALA B 47 -4.20 0.18 -4.27
CA ALA B 47 -3.23 -0.52 -5.10
C ALA B 47 -2.75 -1.60 -4.13
N GLY B 48 -3.16 -2.83 -4.39
CA GLY B 48 -2.80 -3.95 -3.53
C GLY B 48 -3.80 -5.08 -3.73
N GLY B 49 -3.69 -6.14 -2.92
CA GLY B 49 -4.60 -7.25 -3.04
C GLY B 49 -6.03 -6.96 -2.62
N THR B 50 -6.99 -7.70 -3.15
CA THR B 50 -8.38 -7.46 -2.80
C THR B 50 -8.71 -7.79 -1.35
N ALA B 51 -8.10 -8.84 -0.80
CA ALA B 51 -8.38 -9.19 0.60
C ALA B 51 -7.74 -8.17 1.52
N ASP B 52 -6.57 -7.67 1.14
CA ASP B 52 -5.88 -6.66 1.95
C ASP B 52 -6.75 -5.41 1.97
N ALA B 53 -7.28 -5.06 0.81
CA ALA B 53 -8.14 -3.89 0.63
C ALA B 53 -9.37 -4.00 1.53
N PHE B 54 -10.02 -5.16 1.53
CA PHE B 54 -11.19 -5.38 2.36
C PHE B 54 -10.88 -5.12 3.84
N THR B 55 -9.77 -5.66 4.31
CA THR B 55 -9.41 -5.46 5.69
C THR B 55 -9.21 -3.99 6.01
N LEU B 56 -8.44 -3.31 5.17
CA LEU B 56 -8.15 -1.90 5.38
C LEU B 56 -9.36 -0.97 5.24
N PHE B 57 -10.22 -1.24 4.27
CA PHE B 57 -11.40 -0.40 4.12
C PHE B 57 -12.40 -0.61 5.23
N GLU B 58 -12.49 -1.84 5.73
CA GLU B 58 -13.40 -2.13 6.83
C GLU B 58 -12.92 -1.34 8.05
N LEU B 59 -11.60 -1.38 8.29
CA LEU B 59 -11.06 -0.66 9.43
C LEU B 59 -11.26 0.85 9.24
N PHE B 60 -11.09 1.33 8.01
CA PHE B 60 -11.24 2.76 7.77
C PHE B 60 -12.68 3.20 8.06
N GLU B 61 -13.64 2.36 7.72
CA GLU B 61 -15.04 2.70 8.00
C GLU B 61 -15.27 2.75 9.51
N ARG B 62 -14.66 1.82 10.26
CA ARG B 62 -14.80 1.83 11.73
C ARG B 62 -14.23 3.14 12.27
N LYS B 63 -13.12 3.60 11.67
CA LYS B 63 -12.50 4.86 12.12
C LYS B 63 -13.47 6.02 11.83
N LEU B 64 -13.99 6.05 10.61
CA LEU B 64 -14.95 7.06 10.19
C LEU B 64 -16.11 7.10 11.21
N GLU B 65 -16.64 5.93 11.55
CA GLU B 65 -17.75 5.80 12.50
C GLU B 65 -17.45 6.34 13.89
N MET B 66 -16.23 6.14 14.38
CA MET B 66 -15.90 6.64 15.72
C MET B 66 -15.28 8.04 15.74
N HIS B 67 -14.98 8.59 14.57
CA HIS B 67 -14.39 9.91 14.52
C HIS B 67 -15.25 10.92 13.77
N GLN B 68 -16.57 10.74 13.87
CA GLN B 68 -17.54 11.62 13.23
C GLN B 68 -17.31 11.93 11.77
N GLY B 69 -16.93 10.92 11.00
CA GLY B 69 -16.72 11.11 9.58
C GLY B 69 -15.60 12.04 9.15
N HIS B 70 -14.72 12.45 10.07
CA HIS B 70 -13.62 13.34 9.69
C HIS B 70 -12.54 12.51 8.97
N LEU B 71 -12.37 12.77 7.68
CA LEU B 71 -11.43 12.03 6.82
C LEU B 71 -9.97 12.06 7.26
N LEU B 72 -9.44 13.24 7.51
CA LEU B 72 -8.04 13.36 7.92
C LEU B 72 -7.81 12.64 9.25
N LYS B 73 -8.66 12.89 10.24
CA LYS B 73 -8.48 12.23 11.53
C LYS B 73 -8.58 10.70 11.39
N SER B 74 -9.55 10.24 10.63
CA SER B 74 -9.73 8.81 10.45
C SER B 74 -8.53 8.20 9.70
N ALA B 75 -8.02 8.95 8.73
CA ALA B 75 -6.87 8.49 7.93
C ALA B 75 -5.63 8.36 8.80
N VAL B 76 -5.38 9.33 9.66
CA VAL B 76 -4.21 9.30 10.52
C VAL B 76 -4.32 8.13 11.49
N GLU B 77 -5.52 7.94 12.04
CA GLU B 77 -5.75 6.85 12.99
C GLU B 77 -5.55 5.49 12.30
N LEU B 78 -6.01 5.39 11.06
CA LEU B 78 -5.84 4.13 10.32
C LEU B 78 -4.34 3.91 10.10
N ALA B 79 -3.63 4.96 9.67
CA ALA B 79 -2.19 4.85 9.43
C ALA B 79 -1.41 4.41 10.66
N LYS B 80 -1.78 4.92 11.84
CA LYS B 80 -1.08 4.54 13.06
C LYS B 80 -1.26 3.05 13.33
N ASP B 81 -2.48 2.56 13.15
CA ASP B 81 -2.75 1.14 13.36
C ASP B 81 -2.01 0.30 12.33
N TRP B 82 -2.09 0.70 11.07
CA TRP B 82 -1.47 -0.02 9.96
C TRP B 82 0.05 -0.12 10.17
N ARG B 83 0.62 0.96 10.70
CA ARG B 83 2.06 1.06 10.93
C ARG B 83 2.58 0.21 12.09
N THR B 84 1.72 -0.02 13.07
CA THR B 84 2.10 -0.71 14.30
C THR B 84 1.51 -2.06 14.66
N ASP B 85 0.36 -2.41 14.09
CA ASP B 85 -0.26 -3.68 14.41
C ASP B 85 0.44 -4.84 13.68
N ARG B 86 0.81 -5.88 14.42
CA ARG B 86 1.51 -7.01 13.82
C ARG B 86 0.80 -7.57 12.60
N ALA B 87 -0.52 -7.73 12.68
CA ALA B 87 -1.27 -8.27 11.55
C ALA B 87 -1.29 -7.30 10.37
N LEU B 88 -1.69 -6.06 10.64
CA LEU B 88 -1.76 -5.06 9.57
C LEU B 88 -0.41 -4.79 8.91
N ARG B 89 0.68 -4.90 9.66
CA ARG B 89 2.00 -4.63 9.07
C ARG B 89 2.32 -5.57 7.90
N LYS B 90 1.63 -6.71 7.83
CA LYS B 90 1.82 -7.69 6.77
C LYS B 90 1.11 -7.28 5.46
N LEU B 91 0.20 -6.33 5.56
CA LEU B 91 -0.57 -5.84 4.40
C LEU B 91 0.18 -4.78 3.59
N GLU B 92 0.57 -5.14 2.37
CA GLU B 92 1.30 -4.25 1.48
C GLU B 92 0.31 -3.60 0.51
N ALA B 93 0.07 -2.31 0.70
CA ALA B 93 -0.86 -1.58 -0.17
C ALA B 93 -0.71 -0.07 -0.01
N MET B 94 -1.37 0.66 -0.89
CA MET B 94 -1.42 2.11 -0.88
C MET B 94 -2.90 2.41 -1.12
N LEU B 95 -3.42 3.43 -0.44
CA LEU B 95 -4.83 3.79 -0.57
C LEU B 95 -4.98 5.28 -0.88
N ILE B 96 -6.07 5.61 -1.57
CA ILE B 96 -6.41 7.02 -1.83
C ILE B 96 -7.84 7.10 -1.31
N VAL B 97 -8.14 8.08 -0.45
CA VAL B 97 -9.50 8.25 0.02
C VAL B 97 -9.90 9.70 -0.21
N ALA B 98 -11.18 9.92 -0.54
CA ALA B 98 -11.65 11.27 -0.82
C ALA B 98 -13.10 11.48 -0.40
N ASP B 99 -13.38 12.64 0.17
CA ASP B 99 -14.77 12.94 0.54
C ASP B 99 -15.07 14.33 -0.03
N GLU B 100 -16.21 14.92 0.33
CA GLU B 100 -16.56 16.23 -0.22
C GLU B 100 -15.64 17.35 0.27
N LYS B 101 -14.85 17.07 1.31
CA LYS B 101 -13.94 18.09 1.83
C LYS B 101 -12.50 17.96 1.35
N GLU B 102 -11.94 16.74 1.37
CA GLU B 102 -10.56 16.60 0.93
C GLU B 102 -10.18 15.20 0.48
N SER B 103 -8.96 15.08 -0.03
CA SER B 103 -8.43 13.81 -0.57
C SER B 103 -7.10 13.49 0.11
N LEU B 104 -6.86 12.20 0.33
CA LEU B 104 -5.63 11.77 0.99
C LEU B 104 -5.04 10.45 0.48
N ILE B 105 -3.72 10.32 0.58
CA ILE B 105 -3.09 9.04 0.29
C ILE B 105 -2.77 8.48 1.67
N ILE B 106 -3.13 7.22 1.93
CA ILE B 106 -2.77 6.59 3.20
C ILE B 106 -1.77 5.46 2.91
N THR B 107 -0.69 5.40 3.67
CA THR B 107 0.31 4.35 3.45
C THR B 107 0.49 3.53 4.72
N GLY B 108 1.20 2.41 4.58
CA GLY B 108 1.47 1.53 5.71
C GLY B 108 2.81 1.86 6.32
N ILE B 109 3.42 2.95 5.86
CA ILE B 109 4.72 3.33 6.41
C ILE B 109 4.67 4.60 7.29
N GLY B 110 3.55 4.80 7.96
CA GLY B 110 3.41 5.94 8.86
C GLY B 110 3.21 7.29 8.23
N ASP B 111 2.77 7.31 6.97
CA ASP B 111 2.54 8.58 6.29
C ASP B 111 1.10 8.71 5.74
N VAL B 112 0.61 9.94 5.80
CA VAL B 112 -0.69 10.31 5.27
C VAL B 112 -0.29 11.52 4.45
N VAL B 113 -0.55 11.46 3.15
CA VAL B 113 -0.16 12.53 2.26
C VAL B 113 -1.32 13.32 1.64
N GLN B 114 -1.25 14.63 1.82
CA GLN B 114 -2.21 15.57 1.23
C GLN B 114 -1.69 16.01 -0.14
N PRO B 115 -2.60 16.36 -1.05
CA PRO B 115 -2.16 16.80 -2.38
C PRO B 115 -1.56 18.21 -2.40
N GLU B 116 -0.93 18.55 -3.53
CA GLU B 116 -0.37 19.89 -3.73
C GLU B 116 -1.62 20.75 -3.97
N GLU B 117 -1.44 22.01 -4.33
CA GLU B 117 -2.60 22.86 -4.52
C GLU B 117 -3.49 22.44 -5.70
N ASP B 118 -2.96 21.66 -6.64
CA ASP B 118 -3.77 21.21 -7.77
C ASP B 118 -4.79 20.13 -7.41
N GLN B 119 -4.78 19.66 -6.17
CA GLN B 119 -5.70 18.63 -5.68
C GLN B 119 -5.71 17.31 -6.47
N ILE B 120 -4.53 16.88 -6.91
CA ILE B 120 -4.40 15.63 -7.65
C ILE B 120 -3.58 14.65 -6.83
N LEU B 121 -4.01 13.39 -6.78
CA LEU B 121 -3.28 12.34 -6.06
C LEU B 121 -3.27 11.10 -6.96
N ALA B 122 -2.19 10.32 -6.90
CA ALA B 122 -2.11 9.10 -7.70
C ALA B 122 -1.20 8.12 -7.02
N ILE B 123 -1.57 6.83 -7.12
CA ILE B 123 -0.77 5.77 -6.55
C ILE B 123 -0.69 4.63 -7.54
N GLY B 124 0.18 3.67 -7.25
CA GLY B 124 0.34 2.52 -8.13
C GLY B 124 1.54 2.64 -9.05
N SER B 125 1.94 1.52 -9.65
CA SER B 125 3.09 1.51 -10.54
C SER B 125 2.99 2.56 -11.66
N GLY B 126 1.77 2.81 -12.15
CA GLY B 126 1.59 3.78 -13.23
C GLY B 126 1.10 5.13 -12.73
N GLY B 127 1.03 5.26 -11.41
CA GLY B 127 0.55 6.49 -10.79
C GLY B 127 1.20 7.76 -11.25
N ASN B 128 2.53 7.76 -11.39
CA ASN B 128 3.17 8.99 -11.79
C ASN B 128 2.93 9.37 -13.24
N TYR B 129 2.53 8.40 -14.06
CA TYR B 129 2.20 8.73 -15.44
C TYR B 129 0.85 9.42 -15.46
N ALA B 130 -0.11 8.90 -14.68
CA ALA B 130 -1.42 9.56 -14.63
C ALA B 130 -1.25 10.93 -13.95
N LEU B 131 -0.38 11.00 -12.94
CA LEU B 131 -0.14 12.27 -12.25
C LEU B 131 0.40 13.34 -13.21
N SER B 132 1.33 12.93 -14.08
CA SER B 132 1.92 13.87 -15.02
C SER B 132 0.88 14.39 -15.98
N ALA B 133 0.08 13.47 -16.49
CA ALA B 133 -0.99 13.84 -17.43
C ALA B 133 -2.04 14.72 -16.76
N ALA B 134 -2.42 14.36 -15.54
CA ALA B 134 -3.45 15.10 -14.83
C ALA B 134 -2.97 16.53 -14.55
N ARG B 135 -1.72 16.68 -14.13
CA ARG B 135 -1.21 18.03 -13.89
C ARG B 135 -1.19 18.87 -15.16
N ALA B 136 -0.81 18.26 -16.27
CA ALA B 136 -0.80 18.99 -17.53
C ALA B 136 -2.20 19.44 -17.89
N LEU B 137 -3.19 18.57 -17.73
CA LEU B 137 -4.57 18.86 -18.08
C LEU B 137 -5.23 19.88 -17.18
N VAL B 138 -4.92 19.79 -15.88
CA VAL B 138 -5.49 20.74 -14.93
C VAL B 138 -4.93 22.13 -15.14
N GLU B 139 -3.62 22.22 -15.39
CA GLU B 139 -2.99 23.52 -15.59
C GLU B 139 -3.17 24.12 -16.98
N ASN B 140 -3.60 23.32 -17.95
CA ASN B 140 -3.71 23.85 -19.30
C ASN B 140 -5.04 23.67 -20.02
N THR B 141 -6.04 23.13 -19.34
CA THR B 141 -7.35 22.94 -19.96
C THR B 141 -8.45 23.24 -18.96
N GLU B 142 -9.69 23.24 -19.43
CA GLU B 142 -10.82 23.48 -18.56
C GLU B 142 -11.62 22.18 -18.42
N LEU B 143 -10.98 21.05 -18.73
CA LEU B 143 -11.65 19.75 -18.64
C LEU B 143 -12.14 19.46 -17.22
N SER B 144 -13.22 18.69 -17.11
CA SER B 144 -13.78 18.33 -15.82
C SER B 144 -12.89 17.33 -15.09
N ALA B 145 -13.06 17.20 -13.79
CA ALA B 145 -12.28 16.25 -13.01
C ALA B 145 -12.46 14.85 -13.62
N HIS B 146 -13.70 14.52 -13.97
CA HIS B 146 -13.98 13.20 -14.55
C HIS B 146 -13.22 12.97 -15.86
N GLU B 147 -13.26 13.95 -16.75
CA GLU B 147 -12.58 13.87 -18.04
C GLU B 147 -11.06 13.75 -17.82
N ILE B 148 -10.53 14.49 -16.85
CA ILE B 148 -9.08 14.43 -16.61
C ILE B 148 -8.69 13.05 -16.08
N VAL B 149 -9.49 12.52 -15.17
CA VAL B 149 -9.18 11.20 -14.65
C VAL B 149 -9.19 10.16 -15.77
N GLU B 150 -10.20 10.22 -16.64
CA GLU B 150 -10.30 9.26 -17.73
C GLU B 150 -9.11 9.36 -18.69
N LYS B 151 -8.75 10.59 -19.06
CA LYS B 151 -7.64 10.74 -19.99
C LYS B 151 -6.27 10.37 -19.38
N SER B 152 -6.12 10.62 -18.10
CA SER B 152 -4.85 10.36 -17.41
C SER B 152 -4.67 8.87 -17.21
N LEU B 153 -5.76 8.16 -16.90
CA LEU B 153 -5.69 6.73 -16.73
C LEU B 153 -5.30 6.09 -18.07
N ARG B 154 -5.85 6.61 -19.14
CA ARG B 154 -5.54 6.07 -20.45
C ARG B 154 -4.06 6.27 -20.80
N ILE B 155 -3.55 7.46 -20.54
CA ILE B 155 -2.15 7.75 -20.83
C ILE B 155 -1.26 6.83 -19.99
N ALA B 156 -1.61 6.64 -18.72
CA ALA B 156 -0.83 5.76 -17.86
C ALA B 156 -0.90 4.32 -18.37
N GLY B 157 -2.09 3.89 -18.77
CA GLY B 157 -2.26 2.52 -19.25
C GLY B 157 -1.45 2.21 -20.50
N ASP B 158 -1.25 3.21 -21.35
CA ASP B 158 -0.50 3.00 -22.58
C ASP B 158 1.00 2.96 -22.31
N ILE B 159 1.41 3.40 -21.12
CA ILE B 159 2.84 3.41 -20.78
C ILE B 159 3.29 2.31 -19.81
N CYS B 160 2.56 2.15 -18.71
CA CYS B 160 2.91 1.15 -17.70
C CYS B 160 2.42 -0.24 -18.09
N VAL B 161 3.32 -1.22 -18.20
CA VAL B 161 2.87 -2.56 -18.60
C VAL B 161 2.00 -3.25 -17.53
N PHE B 162 1.93 -2.68 -16.34
CA PHE B 162 1.11 -3.29 -15.26
C PHE B 162 -0.22 -2.57 -15.04
N THR B 163 -0.55 -1.66 -15.94
CA THR B 163 -1.81 -0.91 -15.85
C THR B 163 -2.52 -1.12 -17.16
N ASN B 164 -3.81 -1.44 -17.14
CA ASN B 164 -4.50 -1.61 -18.41
C ASN B 164 -5.49 -0.48 -18.67
N THR B 165 -6.35 -0.64 -19.66
CA THR B 165 -7.29 0.42 -19.97
C THR B 165 -8.77 0.14 -19.66
N ASN B 166 -9.03 -0.72 -18.68
CA ASN B 166 -10.41 -1.06 -18.24
C ASN B 166 -10.61 -0.35 -16.91
N PHE B 167 -11.26 0.80 -16.98
CA PHE B 167 -11.42 1.65 -15.80
C PHE B 167 -12.69 1.55 -14.99
N THR B 168 -12.55 1.88 -13.71
CA THR B 168 -13.67 1.97 -12.79
C THR B 168 -13.49 3.40 -12.28
N ILE B 169 -14.48 4.26 -12.48
CA ILE B 169 -14.37 5.65 -12.05
C ILE B 169 -15.58 6.03 -11.21
N GLU B 170 -15.34 6.57 -10.02
CA GLU B 170 -16.41 7.00 -9.13
C GLU B 170 -16.32 8.50 -8.93
N GLU B 171 -17.47 9.16 -8.82
CA GLU B 171 -17.51 10.61 -8.64
C GLU B 171 -18.38 11.01 -7.44
N LEU B 172 -18.02 12.12 -6.81
CA LEU B 172 -18.76 12.65 -5.66
C LEU B 172 -18.88 14.17 -5.89
N PRO B 173 -20.09 14.74 -5.76
CA PRO B 173 -21.41 14.20 -5.42
C PRO B 173 -21.92 13.24 -6.49
N THR C 1 3.02 -27.92 -12.25
CA THR C 1 1.57 -28.12 -11.99
C THR C 1 0.70 -27.23 -12.86
N THR C 2 -0.45 -27.75 -13.26
CA THR C 2 -1.40 -26.93 -13.98
C THR C 2 -2.76 -27.32 -13.43
N ILE C 3 -3.54 -26.33 -12.98
CA ILE C 3 -4.91 -26.57 -12.52
C ILE C 3 -5.73 -25.59 -13.38
N VAL C 4 -6.84 -26.04 -13.97
CA VAL C 4 -7.65 -25.13 -14.76
C VAL C 4 -9.12 -25.43 -14.45
N SER C 5 -9.92 -24.38 -14.43
CA SER C 5 -11.35 -24.52 -14.12
C SER C 5 -12.16 -23.77 -15.15
N VAL C 6 -13.24 -24.40 -15.59
CA VAL C 6 -14.11 -23.82 -16.58
C VAL C 6 -15.54 -24.05 -16.12
N ARG C 7 -16.37 -23.04 -16.33
CA ARG C 7 -17.77 -23.10 -15.99
C ARG C 7 -18.46 -22.80 -17.31
N ARG C 8 -19.30 -23.72 -17.75
CA ARG C 8 -20.03 -23.50 -18.99
C ARG C 8 -21.37 -24.24 -18.99
N ASN C 9 -22.42 -23.49 -19.25
CA ASN C 9 -23.77 -24.06 -19.33
C ASN C 9 -24.17 -24.92 -18.13
N GLY C 10 -24.01 -24.36 -16.93
CA GLY C 10 -24.40 -25.09 -15.73
C GLY C 10 -23.44 -26.13 -15.18
N GLN C 11 -22.38 -26.42 -15.93
CA GLN C 11 -21.40 -27.39 -15.50
C GLN C 11 -20.14 -26.63 -15.05
N VAL C 12 -19.59 -27.02 -13.90
CA VAL C 12 -18.37 -26.39 -13.37
C VAL C 12 -17.36 -27.52 -13.22
N VAL C 13 -16.20 -27.37 -13.86
CA VAL C 13 -15.18 -28.41 -13.81
C VAL C 13 -13.85 -27.83 -13.34
N VAL C 14 -13.12 -28.61 -12.53
CA VAL C 14 -11.79 -28.23 -12.08
C VAL C 14 -10.91 -29.46 -12.36
N GLY C 15 -9.83 -29.24 -13.10
CA GLY C 15 -8.95 -30.34 -13.44
C GLY C 15 -7.51 -29.98 -13.17
N GLY C 16 -6.69 -31.02 -12.96
CA GLY C 16 -5.28 -30.78 -12.68
C GLY C 16 -4.48 -31.95 -13.18
N ASP C 17 -3.18 -31.75 -13.39
CA ASP C 17 -2.31 -32.83 -13.84
C ASP C 17 -1.86 -33.62 -12.60
N GLY C 18 -0.99 -34.59 -12.80
CA GLY C 18 -0.60 -35.39 -11.65
C GLY C 18 0.88 -35.46 -11.35
N GLN C 19 1.68 -34.57 -11.94
CA GLN C 19 3.12 -34.59 -11.71
C GLN C 19 3.58 -33.86 -10.47
N VAL C 20 4.44 -34.50 -9.68
CA VAL C 20 5.00 -33.88 -8.51
C VAL C 20 6.49 -33.97 -8.79
N SER C 21 7.15 -32.82 -8.74
CA SER C 21 8.57 -32.76 -9.05
C SER C 21 9.40 -32.33 -7.86
N LEU C 22 10.58 -32.93 -7.72
CA LEU C 22 11.50 -32.55 -6.66
C LEU C 22 12.71 -32.04 -7.44
N GLY C 23 12.95 -30.74 -7.37
CA GLY C 23 14.03 -30.18 -8.14
C GLY C 23 13.58 -30.35 -9.58
N ASN C 24 14.48 -30.78 -10.46
CA ASN C 24 14.10 -30.95 -11.85
C ASN C 24 13.87 -32.41 -12.22
N THR C 25 13.35 -33.18 -11.27
CA THR C 25 13.05 -34.58 -11.51
C THR C 25 11.62 -34.89 -11.12
N VAL C 26 11.07 -35.91 -11.75
CA VAL C 26 9.71 -36.35 -11.46
C VAL C 26 9.71 -37.31 -10.29
N MET C 27 9.02 -36.94 -9.21
CA MET C 27 8.96 -37.79 -8.02
C MET C 27 7.74 -38.71 -8.09
N LYS C 28 6.68 -38.22 -8.71
CA LYS C 28 5.43 -38.98 -8.84
C LYS C 28 4.68 -38.43 -10.04
N GLY C 29 3.88 -39.29 -10.68
CA GLY C 29 3.14 -38.84 -11.84
C GLY C 29 1.63 -39.00 -11.70
N ASN C 30 1.18 -39.49 -10.56
CA ASN C 30 -0.25 -39.70 -10.41
C ASN C 30 -0.87 -38.98 -9.21
N ALA C 31 -0.34 -37.81 -8.88
CA ALA C 31 -0.89 -37.03 -7.79
C ALA C 31 -2.31 -36.57 -8.10
N ARG C 32 -3.13 -36.42 -7.06
CA ARG C 32 -4.53 -35.98 -7.15
C ARG C 32 -4.52 -34.54 -6.65
N LYS C 33 -4.55 -33.57 -7.56
CA LYS C 33 -4.48 -32.17 -7.16
C LYS C 33 -5.80 -31.42 -7.07
N VAL C 34 -6.90 -32.13 -7.35
CA VAL C 34 -8.23 -31.55 -7.28
C VAL C 34 -8.99 -32.46 -6.31
N ARG C 35 -9.69 -31.87 -5.35
CA ARG C 35 -10.41 -32.64 -4.34
C ARG C 35 -11.81 -32.06 -4.17
N ARG C 36 -12.71 -32.86 -3.63
CA ARG C 36 -14.06 -32.40 -3.36
C ARG C 36 -14.09 -32.08 -1.88
N LEU C 37 -14.54 -30.88 -1.55
CA LEU C 37 -14.60 -30.44 -0.15
C LEU C 37 -16.03 -30.11 0.25
N TYR C 38 -16.21 -29.87 1.54
CA TYR C 38 -17.50 -29.45 2.08
C TYR C 38 -18.68 -30.34 1.65
N ASN C 39 -18.64 -31.61 2.06
CA ASN C 39 -19.71 -32.54 1.72
C ASN C 39 -19.87 -32.66 0.20
N GLY C 40 -18.76 -32.62 -0.53
CA GLY C 40 -18.81 -32.73 -1.97
C GLY C 40 -19.47 -31.58 -2.72
N LYS C 41 -19.68 -30.46 -2.05
CA LYS C 41 -20.31 -29.33 -2.73
C LYS C 41 -19.29 -28.32 -3.29
N VAL C 42 -18.03 -28.49 -2.92
CA VAL C 42 -16.98 -27.58 -3.39
C VAL C 42 -15.83 -28.33 -4.05
N LEU C 43 -15.30 -27.79 -5.15
CA LEU C 43 -14.17 -28.40 -5.85
C LEU C 43 -12.98 -27.49 -5.53
N ALA C 44 -11.84 -28.09 -5.22
CA ALA C 44 -10.65 -27.31 -4.91
C ALA C 44 -9.42 -27.96 -5.52
N GLY C 45 -8.56 -27.13 -6.10
CA GLY C 45 -7.34 -27.63 -6.71
C GLY C 45 -6.20 -26.78 -6.19
N PHE C 46 -4.98 -27.29 -6.21
CA PHE C 46 -3.88 -26.51 -5.69
C PHE C 46 -2.60 -26.62 -6.49
N ALA C 47 -1.80 -25.56 -6.42
CA ALA C 47 -0.48 -25.52 -7.05
C ALA C 47 0.42 -25.26 -5.86
N GLY C 48 1.35 -26.17 -5.60
CA GLY C 48 2.26 -26.01 -4.47
C GLY C 48 2.35 -27.30 -3.66
N GLY C 49 2.99 -27.22 -2.49
CA GLY C 49 3.14 -28.39 -1.63
C GLY C 49 1.85 -29.06 -1.22
N THR C 50 1.88 -30.38 -1.23
CA THR C 50 0.72 -31.16 -0.88
C THR C 50 0.31 -30.96 0.58
N ALA C 51 1.27 -31.02 1.50
CA ALA C 51 0.94 -30.83 2.90
C ALA C 51 0.35 -29.43 3.09
N ASP C 52 1.00 -28.42 2.51
CA ASP C 52 0.55 -27.02 2.60
C ASP C 52 -0.89 -26.86 2.12
N ALA C 53 -1.18 -27.44 0.96
CA ALA C 53 -2.51 -27.35 0.39
C ALA C 53 -3.54 -28.05 1.27
N PHE C 54 -3.18 -29.21 1.81
CA PHE C 54 -4.11 -29.94 2.66
C PHE C 54 -4.44 -29.13 3.89
N THR C 55 -3.45 -28.42 4.43
CA THR C 55 -3.68 -27.61 5.61
C THR C 55 -4.67 -26.49 5.24
N LEU C 56 -4.45 -25.89 4.08
CA LEU C 56 -5.34 -24.81 3.65
C LEU C 56 -6.74 -25.30 3.32
N PHE C 57 -6.87 -26.51 2.77
CA PHE C 57 -8.18 -27.06 2.44
C PHE C 57 -8.99 -27.27 3.73
N GLU C 58 -8.34 -27.76 4.76
CA GLU C 58 -9.02 -27.98 6.04
C GLU C 58 -9.50 -26.62 6.59
N LEU C 59 -8.60 -25.63 6.63
CA LEU C 59 -9.00 -24.33 7.12
C LEU C 59 -10.12 -23.70 6.28
N PHE C 60 -10.11 -23.93 4.96
CA PHE C 60 -11.16 -23.38 4.11
C PHE C 60 -12.52 -23.99 4.48
N GLU C 61 -12.53 -25.30 4.74
CA GLU C 61 -13.77 -25.96 5.15
C GLU C 61 -14.30 -25.35 6.44
N ARG C 62 -13.39 -25.03 7.36
CA ARG C 62 -13.79 -24.43 8.62
C ARG C 62 -14.41 -23.05 8.34
N LYS C 63 -13.87 -22.33 7.35
CA LYS C 63 -14.43 -21.03 7.01
C LYS C 63 -15.82 -21.21 6.38
N LEU C 64 -15.97 -22.23 5.54
CA LEU C 64 -17.26 -22.49 4.92
C LEU C 64 -18.30 -22.80 6.00
N GLU C 65 -17.90 -23.60 6.98
CA GLU C 65 -18.79 -23.99 8.08
C GLU C 65 -19.19 -22.75 8.88
N MET C 66 -18.24 -21.83 9.03
CA MET C 66 -18.42 -20.57 9.76
C MET C 66 -19.23 -19.54 9.03
N HIS C 67 -19.13 -19.50 7.71
CA HIS C 67 -19.85 -18.50 6.96
C HIS C 67 -20.95 -19.00 6.08
N GLN C 68 -21.68 -19.99 6.57
CA GLN C 68 -22.83 -20.54 5.85
C GLN C 68 -22.53 -21.01 4.44
N GLY C 69 -21.33 -21.53 4.22
CA GLY C 69 -21.00 -22.03 2.90
C GLY C 69 -20.87 -21.01 1.79
N HIS C 70 -20.78 -19.72 2.11
CA HIS C 70 -20.63 -18.72 1.07
C HIS C 70 -19.16 -18.67 0.62
N LEU C 71 -18.92 -19.04 -0.64
CA LEU C 71 -17.58 -19.15 -1.19
C LEU C 71 -16.71 -17.90 -1.12
N LEU C 72 -17.21 -16.78 -1.61
CA LEU C 72 -16.43 -15.54 -1.61
C LEU C 72 -16.07 -15.09 -0.21
N LYS C 73 -17.06 -15.04 0.68
CA LYS C 73 -16.78 -14.62 2.05
C LYS C 73 -15.76 -15.53 2.71
N SER C 74 -15.90 -16.83 2.53
CA SER C 74 -14.98 -17.78 3.13
C SER C 74 -13.59 -17.66 2.53
N ALA C 75 -13.52 -17.40 1.24
CA ALA C 75 -12.23 -17.24 0.57
C ALA C 75 -11.52 -15.99 1.09
N VAL C 76 -12.24 -14.89 1.23
CA VAL C 76 -11.63 -13.67 1.75
C VAL C 76 -11.12 -13.91 3.18
N GLU C 77 -11.90 -14.64 3.98
CA GLU C 77 -11.46 -14.90 5.35
C GLU C 77 -10.26 -15.80 5.40
N LEU C 78 -10.16 -16.76 4.49
CA LEU C 78 -9.01 -17.64 4.46
C LEU C 78 -7.81 -16.80 4.02
N ALA C 79 -8.00 -15.99 2.98
CA ALA C 79 -6.90 -15.13 2.48
C ALA C 79 -6.37 -14.21 3.58
N LYS C 80 -7.25 -13.68 4.43
CA LYS C 80 -6.79 -12.80 5.50
C LYS C 80 -5.93 -13.56 6.51
N ASP C 81 -6.36 -14.76 6.93
CA ASP C 81 -5.57 -15.55 7.88
C ASP C 81 -4.25 -15.98 7.27
N TRP C 82 -4.32 -16.37 6.02
CA TRP C 82 -3.15 -16.86 5.29
C TRP C 82 -2.11 -15.75 5.20
N ARG C 83 -2.59 -14.54 5.03
CA ARG C 83 -1.72 -13.38 4.88
C ARG C 83 -1.03 -12.97 6.19
N THR C 84 -1.65 -13.26 7.33
CA THR C 84 -1.09 -12.79 8.60
C THR C 84 -0.59 -13.80 9.63
N ASP C 85 -1.12 -15.01 9.63
CA ASP C 85 -0.70 -16.05 10.56
C ASP C 85 0.77 -16.45 10.36
N ARG C 86 1.53 -16.51 11.46
CA ARG C 86 2.94 -16.86 11.40
C ARG C 86 3.23 -18.16 10.66
N ALA C 87 2.50 -19.21 11.00
CA ALA C 87 2.70 -20.51 10.34
C ALA C 87 2.14 -20.54 8.91
N LEU C 88 0.95 -19.98 8.69
CA LEU C 88 0.38 -20.00 7.33
C LEU C 88 1.18 -19.20 6.34
N ARG C 89 1.85 -18.14 6.80
CA ARG C 89 2.66 -17.33 5.88
C ARG C 89 3.82 -18.16 5.33
N LYS C 90 4.12 -19.27 6.01
CA LYS C 90 5.19 -20.14 5.53
C LYS C 90 4.69 -21.09 4.43
N LEU C 91 3.37 -21.15 4.24
CA LEU C 91 2.78 -22.04 3.23
C LEU C 91 2.77 -21.42 1.83
N GLU C 92 3.45 -22.10 0.92
CA GLU C 92 3.60 -21.69 -0.48
C GLU C 92 2.63 -22.44 -1.37
N ALA C 93 1.61 -21.76 -1.85
CA ALA C 93 0.62 -22.40 -2.70
C ALA C 93 -0.35 -21.39 -3.26
N MET C 94 -1.10 -21.84 -4.26
CA MET C 94 -2.16 -21.05 -4.83
C MET C 94 -3.31 -22.04 -5.00
N LEU C 95 -4.52 -21.55 -4.75
CA LEU C 95 -5.68 -22.42 -4.81
C LEU C 95 -6.77 -21.97 -5.74
N ILE C 96 -7.55 -22.91 -6.24
CA ILE C 96 -8.71 -22.57 -7.04
C ILE C 96 -9.85 -23.29 -6.31
N VAL C 97 -10.94 -22.58 -6.03
CA VAL C 97 -12.11 -23.22 -5.41
C VAL C 97 -13.31 -22.86 -6.26
N ALA C 98 -14.30 -23.72 -6.26
CA ALA C 98 -15.48 -23.46 -7.06
C ALA C 98 -16.68 -24.20 -6.50
N ASP C 99 -17.84 -23.58 -6.57
CA ASP C 99 -19.07 -24.23 -6.12
C ASP C 99 -20.09 -23.98 -7.23
N GLU C 100 -21.36 -24.33 -7.01
CA GLU C 100 -22.37 -24.15 -8.07
C GLU C 100 -22.60 -22.70 -8.46
N LYS C 101 -22.17 -21.77 -7.61
CA LYS C 101 -22.38 -20.38 -7.92
C LYS C 101 -21.20 -19.63 -8.53
N GLU C 102 -20.02 -19.82 -7.94
CA GLU C 102 -18.85 -19.06 -8.40
C GLU C 102 -17.53 -19.84 -8.29
N SER C 103 -16.48 -19.25 -8.88
CA SER C 103 -15.14 -19.84 -8.88
C SER C 103 -14.15 -18.75 -8.45
N LEU C 104 -13.09 -19.13 -7.73
CA LEU C 104 -12.12 -18.16 -7.23
C LEU C 104 -10.70 -18.70 -7.09
N ILE C 105 -9.72 -17.80 -7.20
CA ILE C 105 -8.32 -18.16 -6.98
C ILE C 105 -8.05 -17.52 -5.61
N ILE C 106 -7.39 -18.27 -4.72
CA ILE C 106 -7.02 -17.72 -3.42
C ILE C 106 -5.52 -17.78 -3.35
N THR C 107 -4.89 -16.68 -2.95
CA THR C 107 -3.44 -16.59 -2.84
C THR C 107 -3.05 -16.26 -1.41
N GLY C 108 -1.76 -16.38 -1.12
CA GLY C 108 -1.26 -16.08 0.21
C GLY C 108 -0.69 -14.66 0.26
N ILE C 109 -0.97 -13.87 -0.77
CA ILE C 109 -0.47 -12.52 -0.83
C ILE C 109 -1.57 -11.47 -0.77
N GLY C 110 -2.67 -11.84 -0.12
CA GLY C 110 -3.76 -10.90 0.04
C GLY C 110 -4.68 -10.70 -1.14
N ASP C 111 -4.74 -11.69 -2.04
CA ASP C 111 -5.59 -11.58 -3.21
C ASP C 111 -6.57 -12.75 -3.35
N VAL C 112 -7.79 -12.42 -3.77
CA VAL C 112 -8.85 -13.40 -4.04
C VAL C 112 -9.27 -12.89 -5.42
N VAL C 113 -9.09 -13.73 -6.43
CA VAL C 113 -9.36 -13.31 -7.80
C VAL C 113 -10.54 -14.01 -8.45
N GLN C 114 -11.46 -13.22 -8.97
CA GLN C 114 -12.62 -13.77 -9.66
C GLN C 114 -12.26 -13.83 -11.15
N PRO C 115 -12.84 -14.77 -11.90
CA PRO C 115 -12.51 -14.87 -13.32
C PRO C 115 -13.14 -13.76 -14.16
N GLU C 116 -12.72 -13.66 -15.40
CA GLU C 116 -13.30 -12.68 -16.30
C GLU C 116 -14.60 -13.27 -16.84
N GLU C 117 -15.22 -12.62 -17.82
CA GLU C 117 -16.51 -13.10 -18.32
C GLU C 117 -16.49 -14.49 -18.93
N ASP C 118 -15.32 -14.98 -19.30
CA ASP C 118 -15.20 -16.31 -19.87
C ASP C 118 -15.36 -17.37 -18.79
N GLN C 119 -15.33 -16.94 -17.52
CA GLN C 119 -15.47 -17.87 -16.40
C GLN C 119 -14.39 -18.95 -16.31
N ILE C 120 -13.16 -18.59 -16.69
CA ILE C 120 -12.08 -19.56 -16.65
C ILE C 120 -11.03 -19.10 -15.62
N LEU C 121 -10.44 -20.05 -14.89
CA LEU C 121 -9.37 -19.73 -13.94
C LEU C 121 -8.30 -20.79 -14.12
N ALA C 122 -7.03 -20.41 -13.95
CA ALA C 122 -5.96 -21.38 -14.06
C ALA C 122 -4.82 -20.91 -13.16
N ILE C 123 -4.12 -21.87 -12.56
CA ILE C 123 -2.99 -21.57 -11.70
C ILE C 123 -1.90 -22.62 -11.92
N GLY C 124 -0.72 -22.36 -11.36
CA GLY C 124 0.38 -23.30 -11.51
C GLY C 124 1.37 -22.87 -12.58
N SER C 125 2.54 -23.50 -12.63
CA SER C 125 3.55 -23.14 -13.62
C SER C 125 3.02 -23.23 -15.06
N GLY C 126 2.12 -24.19 -15.32
CA GLY C 126 1.57 -24.30 -16.67
C GLY C 126 0.19 -23.67 -16.78
N GLY C 127 -0.22 -22.96 -15.74
CA GLY C 127 -1.53 -22.34 -15.74
C GLY C 127 -1.89 -21.50 -16.93
N ASN C 128 -0.97 -20.63 -17.37
CA ASN C 128 -1.29 -19.74 -18.48
C ASN C 128 -1.36 -20.41 -19.85
N TYR C 129 -0.78 -21.59 -19.99
CA TYR C 129 -0.89 -22.31 -21.24
C TYR C 129 -2.30 -22.89 -21.24
N ALA C 130 -2.72 -23.47 -20.12
CA ALA C 130 -4.08 -23.99 -20.08
C ALA C 130 -5.08 -22.84 -20.23
N LEU C 131 -4.78 -21.69 -19.64
CA LEU C 131 -5.68 -20.53 -19.74
C LEU C 131 -5.83 -20.08 -21.19
N SER C 132 -4.73 -20.03 -21.92
CA SER C 132 -4.76 -19.64 -23.35
C SER C 132 -5.58 -20.62 -24.17
N ALA C 133 -5.36 -21.91 -23.95
CA ALA C 133 -6.09 -22.92 -24.73
C ALA C 133 -7.59 -22.89 -24.35
N ALA C 134 -7.86 -22.74 -23.06
CA ALA C 134 -9.25 -22.73 -22.61
C ALA C 134 -9.99 -21.54 -23.17
N ARG C 135 -9.36 -20.37 -23.20
CA ARG C 135 -10.07 -19.23 -23.73
C ARG C 135 -10.30 -19.40 -25.21
N ALA C 136 -9.34 -19.98 -25.90
CA ALA C 136 -9.52 -20.22 -27.32
C ALA C 136 -10.72 -21.14 -27.55
N LEU C 137 -10.82 -22.20 -26.77
CA LEU C 137 -11.91 -23.17 -26.93
C LEU C 137 -13.28 -22.67 -26.50
N VAL C 138 -13.32 -21.86 -25.44
CA VAL C 138 -14.61 -21.33 -24.97
C VAL C 138 -15.16 -20.34 -25.98
N GLU C 139 -14.27 -19.53 -26.54
CA GLU C 139 -14.67 -18.51 -27.50
C GLU C 139 -14.89 -18.98 -28.93
N ASN C 140 -14.40 -20.16 -29.28
CA ASN C 140 -14.53 -20.64 -30.65
C ASN C 140 -15.10 -22.01 -30.90
N THR C 141 -15.56 -22.68 -29.84
CA THR C 141 -16.16 -24.02 -30.03
C THR C 141 -17.35 -24.08 -29.08
N GLU C 142 -18.11 -25.17 -29.21
CA GLU C 142 -19.27 -25.41 -28.37
C GLU C 142 -18.92 -26.59 -27.43
N LEU C 143 -17.62 -26.81 -27.20
CA LEU C 143 -17.21 -27.93 -26.33
C LEU C 143 -17.67 -27.73 -24.91
N SER C 144 -17.87 -28.83 -24.18
CA SER C 144 -18.30 -28.74 -22.79
C SER C 144 -17.17 -28.29 -21.87
N ALA C 145 -17.54 -27.86 -20.68
CA ALA C 145 -16.56 -27.45 -19.71
C ALA C 145 -15.57 -28.59 -19.47
N HIS C 146 -16.07 -29.82 -19.37
CA HIS C 146 -15.20 -30.95 -19.12
C HIS C 146 -14.19 -31.18 -20.25
N GLU C 147 -14.68 -31.17 -21.47
CA GLU C 147 -13.80 -31.37 -22.62
C GLU C 147 -12.75 -30.28 -22.71
N ILE C 148 -13.15 -29.03 -22.47
CA ILE C 148 -12.20 -27.92 -22.55
C ILE C 148 -11.12 -28.07 -21.48
N VAL C 149 -11.51 -28.46 -20.27
CA VAL C 149 -10.51 -28.66 -19.23
C VAL C 149 -9.53 -29.78 -19.63
N GLU C 150 -10.03 -30.90 -20.13
CA GLU C 150 -9.10 -31.98 -20.50
C GLU C 150 -8.15 -31.57 -21.63
N LYS C 151 -8.69 -30.91 -22.65
CA LYS C 151 -7.87 -30.48 -23.78
C LYS C 151 -6.84 -29.40 -23.40
N SER C 152 -7.24 -28.50 -22.51
CA SER C 152 -6.36 -27.42 -22.09
C SER C 152 -5.23 -27.92 -21.21
N LEU C 153 -5.56 -28.92 -20.40
CA LEU C 153 -4.58 -29.53 -19.52
C LEU C 153 -3.55 -30.26 -20.39
N ARG C 154 -4.00 -30.92 -21.44
CA ARG C 154 -3.07 -31.63 -22.31
C ARG C 154 -2.15 -30.65 -23.02
N ILE C 155 -2.70 -29.54 -23.50
CA ILE C 155 -1.87 -28.55 -24.18
C ILE C 155 -0.83 -27.96 -23.20
N ALA C 156 -1.25 -27.75 -21.96
CA ALA C 156 -0.31 -27.21 -20.97
C ALA C 156 0.78 -28.26 -20.70
N GLY C 157 0.37 -29.53 -20.59
CA GLY C 157 1.33 -30.59 -20.31
C GLY C 157 2.40 -30.78 -21.37
N ASP C 158 2.07 -30.48 -22.63
CA ASP C 158 3.04 -30.65 -23.70
C ASP C 158 4.02 -29.47 -23.77
N ILE C 159 3.77 -28.42 -22.98
CA ILE C 159 4.63 -27.25 -22.95
C ILE C 159 5.40 -27.07 -21.62
N CYS C 160 4.71 -27.15 -20.50
CA CYS C 160 5.33 -26.99 -19.18
C CYS C 160 6.05 -28.30 -18.75
N VAL C 161 7.34 -28.21 -18.42
CA VAL C 161 8.08 -29.41 -18.01
C VAL C 161 7.67 -29.95 -16.65
N PHE C 162 6.89 -29.15 -15.89
CA PHE C 162 6.44 -29.58 -14.57
C PHE C 162 5.00 -30.03 -14.54
N THR C 163 4.40 -30.16 -15.73
CA THR C 163 3.02 -30.60 -15.85
C THR C 163 2.96 -31.85 -16.73
N ASN C 164 2.31 -32.93 -16.28
CA ASN C 164 2.24 -34.13 -17.13
C ASN C 164 0.85 -34.29 -17.74
N THR C 165 0.58 -35.48 -18.28
CA THR C 165 -0.72 -35.70 -18.91
C THR C 165 -1.64 -36.74 -18.24
N ASN C 166 -1.47 -36.90 -16.92
CA ASN C 166 -2.31 -37.79 -16.12
C ASN C 166 -3.19 -36.85 -15.30
N PHE C 167 -4.44 -36.69 -15.70
CA PHE C 167 -5.33 -35.76 -15.03
C PHE C 167 -6.34 -36.31 -14.05
N THR C 168 -6.74 -35.44 -13.12
CA THR C 168 -7.81 -35.73 -12.16
C THR C 168 -8.77 -34.60 -12.50
N ILE C 169 -9.97 -34.96 -12.92
CA ILE C 169 -10.94 -33.94 -13.27
C ILE C 169 -12.22 -34.12 -12.46
N GLU C 170 -12.66 -33.06 -11.79
CA GLU C 170 -13.88 -33.13 -10.99
C GLU C 170 -14.94 -32.15 -11.48
N GLU C 171 -16.20 -32.56 -11.43
CA GLU C 171 -17.27 -31.67 -11.88
C GLU C 171 -18.44 -31.59 -10.92
N LEU C 172 -19.16 -30.47 -11.04
CA LEU C 172 -20.35 -30.19 -10.25
C LEU C 172 -21.41 -29.77 -11.24
N PRO C 173 -22.60 -30.40 -11.20
CA PRO C 173 -22.94 -31.47 -10.26
C PRO C 173 -22.34 -32.81 -10.65
NA NA D . 17.39 18.49 -4.18
NA NA E . -0.44 -0.99 -19.92
NA NA F . 5.05 -31.58 -19.41
#